data_3OYP
#
_entry.id   3OYP
#
_cell.length_a   94.401
_cell.length_b   94.401
_cell.length_c   83.129
_cell.angle_alpha   90.00
_cell.angle_beta   90.00
_cell.angle_gamma   120.00
#
_symmetry.space_group_name_H-M   'P 61'
#
loop_
_entity.id
_entity.type
_entity.pdbx_description
1 polymer 'Serine protease NS3'
2 polymer 'Non-structural protein 4A'
3 polymer 'Peptidomimetic inhibitor'
4 non-polymer 'ZINC ION'
5 water water
#
loop_
_entity_poly.entity_id
_entity_poly.type
_entity_poly.pdbx_seq_one_letter_code
_entity_poly.pdbx_strand_id
1 'polypeptide(L)'
;APITAYSQQTRGLLGCIITSLTGRDKNQVDGEVQVLSTATQSFLATCVNGVCWTVYHGAGSKTLAGPKGPITQMYTNVDQ
DLVGWPAPPGARSMTPCTCGSSDLYLVTRHADVIPVRRRGDSRGSLLSPRPVSYLKGSSGGPLLCPSGHVVGIFRAAVCT
RGVAKAVDFIPVESMETTMRSPVFTDN
;
A,B
2 'polypeptide(L)' KGSVVIVGRIILSGRK C,D
3 'polypeptide(L)' (PPI)(DAL)(0Y8)(0Y9)(0YA) E,F
#
# COMPACT_ATOMS: atom_id res chain seq x y z
N PRO A 2 19.96 -10.20 -14.16
CA PRO A 2 18.70 -9.51 -14.47
C PRO A 2 17.77 -9.27 -13.27
N ILE A 3 18.03 -9.94 -12.14
CA ILE A 3 17.31 -9.67 -10.90
C ILE A 3 18.29 -9.09 -9.87
N THR A 4 17.89 -7.98 -9.25
CA THR A 4 18.74 -7.28 -8.29
C THR A 4 17.96 -6.82 -7.07
N ALA A 5 18.65 -6.73 -5.93
CA ALA A 5 18.02 -6.40 -4.66
C ALA A 5 18.95 -5.62 -3.73
N TYR A 6 18.36 -4.70 -2.98
CA TYR A 6 19.06 -4.03 -1.88
C TYR A 6 18.26 -4.13 -0.60
N SER A 7 18.93 -3.95 0.53
CA SER A 7 18.29 -4.01 1.84
C SER A 7 18.20 -2.63 2.46
N GLN A 8 17.27 -2.50 3.40
CA GLN A 8 17.11 -1.28 4.21
C GLN A 8 16.75 -1.69 5.64
N GLN A 9 17.59 -1.31 6.60
CA GLN A 9 17.34 -1.63 8.01
C GLN A 9 16.28 -0.67 8.56
N THR A 10 15.51 -1.14 9.52
CA THR A 10 14.44 -0.34 10.14
C THR A 10 14.48 -0.28 11.66
N ARG A 11 15.20 -1.21 12.30
CA ARG A 11 15.34 -1.23 13.75
C ARG A 11 16.72 -1.75 14.17
N GLY A 12 17.03 -1.52 15.44
CA GLY A 12 18.18 -2.13 16.11
C GLY A 12 17.69 -3.05 17.22
N LEU A 13 18.59 -3.43 18.12
CA LEU A 13 18.26 -4.37 19.20
C LEU A 13 17.21 -3.83 20.17
N LEU A 14 17.39 -2.58 20.60
CA LEU A 14 16.52 -2.02 21.63
C LEU A 14 15.07 -2.00 21.12
N GLY A 15 14.87 -1.35 19.98
CA GLY A 15 13.55 -1.31 19.34
C GLY A 15 12.98 -2.70 19.10
N CYS A 16 13.84 -3.62 18.67
CA CYS A 16 13.44 -4.99 18.39
C CYS A 16 12.87 -5.71 19.61
N ILE A 17 13.54 -5.56 20.75
CA ILE A 17 13.12 -6.20 22.00
C ILE A 17 11.82 -5.57 22.51
N ILE A 18 11.75 -4.26 22.44
CA ILE A 18 10.56 -3.53 22.88
C ILE A 18 9.36 -3.98 22.06
N THR A 19 9.53 -3.99 20.75
CA THR A 19 8.44 -4.34 19.82
C THR A 19 7.92 -5.77 20.03
N SER A 20 8.79 -6.68 20.45
CA SER A 20 8.40 -8.07 20.73
C SER A 20 7.41 -8.17 21.89
N LEU A 21 7.62 -7.36 22.92
CA LEU A 21 6.78 -7.36 24.11
C LEU A 21 5.49 -6.58 23.89
N THR A 22 5.58 -5.49 23.14
CA THR A 22 4.41 -4.64 22.85
C THR A 22 3.62 -5.12 21.63
N GLY A 23 4.18 -6.06 20.89
CA GLY A 23 3.53 -6.63 19.70
C GLY A 23 2.99 -5.60 18.71
N ARG A 24 3.64 -4.44 18.64
CA ARG A 24 3.13 -3.32 17.88
C ARG A 24 4.24 -2.60 17.12
N ASP A 25 4.38 -2.94 15.84
CA ASP A 25 5.35 -2.32 14.95
C ASP A 25 4.66 -1.19 14.19
N LYS A 26 4.97 0.04 14.56
CA LYS A 26 4.38 1.22 13.94
C LYS A 26 5.26 1.83 12.86
N ASN A 27 6.36 1.17 12.51
CA ASN A 27 7.19 1.59 11.37
C ASN A 27 6.47 1.36 10.05
N GLN A 28 6.88 2.09 9.02
CA GLN A 28 6.40 1.87 7.66
C GLN A 28 6.85 0.48 7.21
N VAL A 29 5.94 -0.24 6.55
CA VAL A 29 6.29 -1.50 5.91
C VAL A 29 6.45 -1.26 4.41
N ASP A 30 7.41 -1.95 3.81
CA ASP A 30 7.63 -1.88 2.38
C ASP A 30 8.50 -3.06 1.96
N GLY A 31 8.54 -3.34 0.65
CA GLY A 31 9.42 -4.37 0.12
C GLY A 31 8.72 -5.68 -0.12
N GLU A 32 9.38 -6.57 -0.84
CA GLU A 32 8.85 -7.88 -1.16
C GLU A 32 9.25 -8.90 -0.09
N VAL A 33 10.46 -8.75 0.45
CA VAL A 33 10.98 -9.65 1.48
C VAL A 33 11.22 -8.86 2.77
N GLN A 34 10.79 -9.40 3.89
CA GLN A 34 10.97 -8.76 5.20
C GLN A 34 12.05 -9.48 5.99
N VAL A 35 12.92 -8.71 6.63
CA VAL A 35 13.93 -9.26 7.51
C VAL A 35 13.34 -9.33 8.91
N LEU A 36 13.06 -10.54 9.36
CA LEU A 36 12.42 -10.77 10.64
C LEU A 36 13.42 -11.17 11.71
N SER A 37 13.10 -10.85 12.96
CA SER A 37 13.95 -11.23 14.08
C SER A 37 13.13 -11.61 15.32
N THR A 38 13.76 -12.41 16.18
CA THR A 38 13.22 -12.75 17.49
C THR A 38 14.28 -12.37 18.52
N ALA A 39 14.24 -12.97 19.71
CA ALA A 39 15.31 -12.83 20.69
C ALA A 39 16.54 -13.67 20.27
N THR A 40 16.33 -14.96 20.08
CA THR A 40 17.40 -15.89 19.71
C THR A 40 17.91 -15.71 18.28
N GLN A 41 17.02 -15.70 17.30
CA GLN A 41 17.43 -15.79 15.89
C GLN A 41 16.74 -14.81 14.93
N SER A 42 17.32 -14.71 13.73
CA SER A 42 16.84 -13.79 12.68
C SER A 42 16.83 -14.49 11.32
N PHE A 43 15.88 -14.09 10.48
CA PHE A 43 15.60 -14.78 9.22
C PHE A 43 14.69 -13.93 8.32
N LEU A 44 14.24 -14.51 7.21
CA LEU A 44 13.43 -13.76 6.23
C LEU A 44 11.99 -14.23 6.12
N ALA A 45 11.14 -13.31 5.66
CA ALA A 45 9.78 -13.62 5.22
C ALA A 45 9.61 -13.15 3.78
N THR A 46 8.75 -13.84 3.04
CA THR A 46 8.45 -13.48 1.65
C THR A 46 6.94 -13.27 1.51
N CYS A 47 6.54 -12.12 0.97
CA CYS A 47 5.12 -11.82 0.75
C CYS A 47 4.63 -12.34 -0.61
N VAL A 48 3.71 -13.29 -0.57
CA VAL A 48 3.07 -13.81 -1.78
C VAL A 48 1.55 -13.80 -1.60
N ASN A 49 0.86 -13.11 -2.50
CA ASN A 49 -0.60 -13.00 -2.44
C ASN A 49 -1.08 -12.57 -1.07
N GLY A 50 -0.61 -11.41 -0.61
CA GLY A 50 -1.09 -10.79 0.62
C GLY A 50 -0.78 -11.55 1.89
N VAL A 51 0.24 -12.40 1.85
CA VAL A 51 0.64 -13.18 3.01
C VAL A 51 2.15 -13.21 3.15
N CYS A 52 2.66 -12.79 4.31
CA CYS A 52 4.06 -12.96 4.67
C CYS A 52 4.31 -14.43 5.03
N TRP A 53 5.04 -15.13 4.17
CA TRP A 53 5.41 -16.51 4.46
C TRP A 53 6.83 -16.60 5.02
N THR A 54 7.03 -17.46 6.01
CA THR A 54 8.36 -17.75 6.52
C THR A 54 8.46 -19.19 7.05
N VAL A 55 9.57 -19.51 7.71
CA VAL A 55 9.78 -20.86 8.23
C VAL A 55 9.40 -21.00 9.70
N TYR A 56 8.84 -22.15 10.05
CA TYR A 56 8.43 -22.43 11.42
C TYR A 56 9.64 -22.53 12.34
N HIS A 57 10.75 -23.06 11.84
CA HIS A 57 11.94 -23.28 12.68
C HIS A 57 12.63 -21.98 13.13
N GLY A 58 12.15 -20.84 12.63
CA GLY A 58 12.56 -19.52 13.11
C GLY A 58 11.43 -18.75 13.78
N ALA A 59 10.26 -18.74 13.14
CA ALA A 59 9.10 -18.00 13.63
C ALA A 59 8.32 -18.75 14.72
N GLY A 60 8.36 -20.07 14.68
CA GLY A 60 7.60 -20.88 15.63
C GLY A 60 6.12 -20.63 15.38
N SER A 61 5.34 -20.53 16.44
CA SER A 61 3.92 -20.23 16.33
C SER A 61 3.60 -18.80 16.78
N LYS A 62 4.61 -17.94 16.78
CA LYS A 62 4.48 -16.58 17.33
C LYS A 62 3.63 -15.71 16.43
N THR A 63 3.12 -14.63 17.00
CA THR A 63 2.49 -13.55 16.24
C THR A 63 3.56 -12.68 15.58
N LEU A 64 3.13 -11.85 14.64
CA LEU A 64 3.98 -10.85 13.99
C LEU A 64 3.55 -9.49 14.49
N ALA A 65 4.48 -8.74 15.07
CA ALA A 65 4.17 -7.40 15.58
C ALA A 65 3.77 -6.48 14.43
N GLY A 66 2.53 -6.01 14.46
CA GLY A 66 1.97 -5.18 13.38
C GLY A 66 1.50 -3.83 13.89
N PRO A 67 1.00 -2.96 12.98
CA PRO A 67 0.60 -1.61 13.35
C PRO A 67 -0.56 -1.59 14.34
N LYS A 68 -1.63 -2.32 14.03
CA LYS A 68 -2.80 -2.39 14.92
C LYS A 68 -2.55 -3.25 16.17
N GLY A 69 -1.48 -4.05 16.15
CA GLY A 69 -1.19 -4.97 17.26
C GLY A 69 -0.59 -6.26 16.72
N PRO A 70 -0.45 -7.28 17.58
CA PRO A 70 0.12 -8.58 17.16
C PRO A 70 -0.77 -9.33 16.16
N ILE A 71 -0.14 -9.93 15.15
CA ILE A 71 -0.85 -10.61 14.08
C ILE A 71 -0.72 -12.12 14.24
N THR A 72 -1.85 -12.81 14.41
CA THR A 72 -1.86 -14.27 14.48
C THR A 72 -1.52 -14.91 13.13
N GLN A 73 -0.85 -16.05 13.18
CA GLN A 73 -0.55 -16.81 11.97
C GLN A 73 -1.84 -17.34 11.36
N MET A 74 -2.04 -17.04 10.08
CA MET A 74 -3.18 -17.58 9.34
C MET A 74 -2.88 -19.02 8.86
N TYR A 75 -1.60 -19.38 8.82
CA TYR A 75 -1.17 -20.70 8.39
C TYR A 75 0.02 -21.17 9.22
N THR A 76 0.02 -22.46 9.56
CA THR A 76 1.01 -23.02 10.47
C THR A 76 1.20 -24.51 10.22
N ASN A 77 2.28 -24.87 9.52
CA ASN A 77 2.59 -26.26 9.25
C ASN A 77 4.00 -26.63 9.72
N VAL A 78 4.08 -27.43 10.77
CA VAL A 78 5.35 -27.79 11.38
C VAL A 78 6.14 -28.74 10.47
N ASP A 79 5.48 -29.77 9.95
CA ASP A 79 6.14 -30.74 9.08
C ASP A 79 6.85 -30.05 7.90
N GLN A 80 6.09 -29.37 7.04
CA GLN A 80 6.68 -28.68 5.90
C GLN A 80 7.38 -27.36 6.27
N ASP A 81 7.39 -27.03 7.56
CA ASP A 81 8.19 -25.92 8.08
C ASP A 81 7.77 -24.57 7.48
N LEU A 82 6.46 -24.36 7.34
CA LEU A 82 5.93 -23.14 6.73
C LEU A 82 4.92 -22.48 7.64
N VAL A 83 5.02 -21.16 7.76
CA VAL A 83 4.00 -20.38 8.46
C VAL A 83 3.68 -19.13 7.66
N GLY A 84 2.45 -18.63 7.81
CA GLY A 84 2.03 -17.42 7.12
C GLY A 84 1.24 -16.49 8.02
N TRP A 85 1.51 -15.19 7.89
CA TRP A 85 0.69 -14.14 8.51
C TRP A 85 0.02 -13.34 7.41
N PRO A 86 -1.18 -12.83 7.68
CA PRO A 86 -1.73 -11.81 6.79
C PRO A 86 -0.77 -10.63 6.73
N ALA A 87 -0.31 -10.30 5.54
CA ALA A 87 0.68 -9.26 5.37
C ALA A 87 0.13 -7.92 5.87
N PRO A 88 0.96 -7.14 6.58
CA PRO A 88 0.51 -5.81 6.98
C PRO A 88 0.50 -4.87 5.78
N PRO A 89 -0.20 -3.72 5.90
CA PRO A 89 -0.28 -2.79 4.78
C PRO A 89 1.06 -2.11 4.48
N GLY A 90 1.41 -2.06 3.20
CA GLY A 90 2.69 -1.51 2.76
C GLY A 90 3.54 -2.54 2.05
N ALA A 91 3.39 -3.80 2.44
CA ALA A 91 4.13 -4.90 1.84
C ALA A 91 3.78 -5.05 0.36
N ARG A 92 4.79 -5.27 -0.48
CA ARG A 92 4.60 -5.48 -1.90
C ARG A 92 4.50 -6.98 -2.18
N SER A 93 3.29 -7.46 -2.45
CA SER A 93 3.07 -8.89 -2.59
C SER A 93 3.51 -9.40 -3.95
N MET A 94 4.41 -10.37 -3.94
CA MET A 94 4.91 -11.00 -5.16
C MET A 94 3.92 -12.05 -5.64
N THR A 95 4.24 -12.73 -6.74
CA THR A 95 3.32 -13.67 -7.37
C THR A 95 4.03 -14.97 -7.78
N PRO A 96 3.31 -16.11 -7.75
CA PRO A 96 3.89 -17.41 -8.12
C PRO A 96 4.38 -17.49 -9.56
N CYS A 97 5.12 -18.56 -9.86
CA CYS A 97 5.94 -18.66 -11.07
C CYS A 97 5.16 -18.74 -12.39
N THR A 98 4.38 -19.81 -12.57
CA THR A 98 3.56 -19.98 -13.79
C THR A 98 4.38 -20.12 -15.08
N CYS A 99 5.52 -20.79 -15.03
CA CYS A 99 6.37 -20.93 -16.24
C CYS A 99 7.33 -22.12 -16.23
N GLY A 100 7.74 -22.60 -15.06
CA GLY A 100 8.45 -23.87 -14.94
C GLY A 100 9.95 -23.83 -15.20
N SER A 101 10.53 -22.63 -15.24
CA SER A 101 11.97 -22.47 -15.45
C SER A 101 12.77 -23.16 -14.36
N SER A 102 13.85 -23.82 -14.76
CA SER A 102 14.80 -24.40 -13.79
C SER A 102 15.90 -23.42 -13.38
N ASP A 103 15.94 -22.25 -14.02
CA ASP A 103 16.96 -21.25 -13.73
C ASP A 103 16.49 -20.33 -12.61
N LEU A 104 16.91 -20.64 -11.39
CA LEU A 104 16.40 -19.94 -10.20
C LEU A 104 17.42 -18.98 -9.59
N TYR A 105 16.89 -18.05 -8.80
CA TYR A 105 17.70 -17.04 -8.13
C TYR A 105 17.33 -17.01 -6.65
N LEU A 106 18.30 -17.27 -5.78
CA LEU A 106 18.07 -17.21 -4.34
C LEU A 106 18.48 -15.85 -3.80
N VAL A 107 17.52 -15.13 -3.23
CA VAL A 107 17.78 -13.83 -2.61
C VAL A 107 18.13 -14.04 -1.13
N THR A 108 19.28 -13.51 -0.72
CA THR A 108 19.77 -13.74 0.63
C THR A 108 19.41 -12.64 1.61
N ARG A 109 19.67 -12.91 2.87
CA ARG A 109 19.62 -11.96 3.96
C ARG A 109 20.39 -10.67 3.62
N HIS A 110 21.54 -10.83 2.98
CA HIS A 110 22.41 -9.69 2.63
C HIS A 110 22.09 -9.06 1.27
N ALA A 111 20.85 -9.20 0.80
CA ALA A 111 20.43 -8.67 -0.50
C ALA A 111 21.36 -9.11 -1.64
N ASP A 112 21.79 -10.37 -1.60
CA ASP A 112 22.58 -10.98 -2.67
C ASP A 112 21.71 -11.97 -3.43
N VAL A 113 21.85 -11.97 -4.75
CA VAL A 113 21.06 -12.83 -5.62
C VAL A 113 22.00 -13.88 -6.19
N ILE A 114 21.82 -15.14 -5.79
CA ILE A 114 22.74 -16.20 -6.23
C ILE A 114 22.03 -17.24 -7.11
N PRO A 115 22.66 -17.62 -8.24
CA PRO A 115 22.15 -18.64 -9.15
C PRO A 115 21.89 -20.00 -8.51
N VAL A 116 20.72 -20.56 -8.78
CA VAL A 116 20.33 -21.89 -8.31
C VAL A 116 19.72 -22.70 -9.46
N ARG A 117 20.12 -23.97 -9.57
CA ARG A 117 19.52 -24.89 -10.53
C ARG A 117 18.42 -25.69 -9.86
N ARG A 118 17.21 -25.65 -10.41
CA ARG A 118 16.14 -26.54 -9.96
C ARG A 118 16.52 -27.98 -10.33
N ARG A 119 16.36 -28.89 -9.37
CA ARG A 119 16.68 -30.30 -9.59
C ARG A 119 15.52 -31.24 -9.26
N GLY A 120 14.84 -30.99 -8.14
CA GLY A 120 13.66 -31.75 -7.75
C GLY A 120 12.47 -30.86 -7.47
N ASP A 121 11.41 -31.45 -6.95
CA ASP A 121 10.19 -30.71 -6.65
C ASP A 121 10.45 -29.63 -5.59
N SER A 122 11.37 -29.92 -4.66
CA SER A 122 11.68 -29.01 -3.55
C SER A 122 13.19 -28.87 -3.35
N ARG A 123 13.96 -29.01 -4.43
CA ARG A 123 15.41 -29.04 -4.34
C ARG A 123 16.06 -28.29 -5.49
N GLY A 124 17.19 -27.66 -5.20
CA GLY A 124 17.99 -27.00 -6.21
C GLY A 124 19.45 -26.93 -5.81
N SER A 125 20.35 -27.10 -6.77
CA SER A 125 21.79 -27.05 -6.49
C SER A 125 22.38 -25.68 -6.78
N LEU A 126 23.36 -25.29 -5.97
CA LEU A 126 24.10 -24.04 -6.17
C LEU A 126 25.15 -24.24 -7.26
N LEU A 127 25.28 -23.25 -8.13
CA LEU A 127 26.27 -23.31 -9.22
C LEU A 127 27.66 -22.95 -8.74
N SER A 128 27.72 -22.12 -7.70
CA SER A 128 28.96 -21.83 -6.97
C SER A 128 28.73 -22.15 -5.50
N PRO A 129 29.40 -23.19 -4.97
CA PRO A 129 29.30 -23.50 -3.55
C PRO A 129 29.58 -22.28 -2.68
N ARG A 130 28.89 -22.21 -1.55
CA ARG A 130 28.96 -21.05 -0.67
C ARG A 130 29.27 -21.50 0.75
N PRO A 131 29.94 -20.65 1.53
CA PRO A 131 30.04 -20.94 2.96
C PRO A 131 28.65 -20.97 3.59
N VAL A 132 28.45 -21.90 4.53
CA VAL A 132 27.17 -22.04 5.21
C VAL A 132 26.75 -20.75 5.90
N SER A 133 27.72 -19.97 6.37
CA SER A 133 27.46 -18.70 7.05
C SER A 133 26.90 -17.63 6.11
N TYR A 134 27.17 -17.76 4.82
CA TYR A 134 26.63 -16.86 3.80
C TYR A 134 25.12 -17.07 3.64
N LEU A 135 24.67 -18.28 3.92
CA LEU A 135 23.26 -18.67 3.77
C LEU A 135 22.47 -18.59 5.08
N LYS A 136 23.15 -18.70 6.23
CA LYS A 136 22.49 -18.68 7.53
C LYS A 136 21.74 -17.39 7.75
N GLY A 137 20.48 -17.50 8.18
CA GLY A 137 19.65 -16.34 8.42
C GLY A 137 18.86 -15.91 7.19
N SER A 138 18.98 -16.65 6.10
CA SER A 138 18.24 -16.36 4.86
C SER A 138 17.02 -17.28 4.68
N SER A 139 16.75 -18.12 5.68
CA SER A 139 15.52 -18.90 5.70
C SER A 139 14.32 -18.00 5.45
N GLY A 140 13.36 -18.52 4.70
CA GLY A 140 12.18 -17.75 4.32
C GLY A 140 12.41 -16.81 3.15
N GLY A 141 13.64 -16.76 2.64
CA GLY A 141 13.97 -15.95 1.49
C GLY A 141 13.45 -16.63 0.23
N PRO A 142 13.13 -15.85 -0.80
CA PRO A 142 12.46 -16.40 -1.96
C PRO A 142 13.41 -17.00 -2.98
N LEU A 143 12.96 -18.02 -3.68
CA LEU A 143 13.64 -18.49 -4.88
C LEU A 143 12.82 -18.00 -6.06
N LEU A 144 13.47 -17.25 -6.95
CA LEU A 144 12.80 -16.56 -8.05
C LEU A 144 13.02 -17.28 -9.38
N CYS A 145 12.08 -17.09 -10.30
CA CYS A 145 12.24 -17.53 -11.68
C CYS A 145 12.89 -16.36 -12.42
N PRO A 146 13.37 -16.59 -13.67
CA PRO A 146 14.07 -15.55 -14.43
C PRO A 146 13.35 -14.22 -14.48
N SER A 147 12.02 -14.26 -14.59
CA SER A 147 11.20 -13.04 -14.60
C SER A 147 10.76 -12.60 -13.19
N GLY A 148 11.40 -13.16 -12.16
CA GLY A 148 11.25 -12.67 -10.80
C GLY A 148 9.93 -13.01 -10.12
N HIS A 149 9.40 -14.19 -10.41
CA HIS A 149 8.21 -14.70 -9.72
C HIS A 149 8.61 -15.81 -8.76
N VAL A 150 7.82 -15.99 -7.72
CA VAL A 150 8.19 -16.88 -6.61
C VAL A 150 8.02 -18.34 -6.96
N VAL A 151 9.14 -19.05 -7.08
CA VAL A 151 9.14 -20.50 -7.28
C VAL A 151 8.99 -21.23 -5.96
N GLY A 152 9.55 -20.65 -4.90
CA GLY A 152 9.47 -21.26 -3.58
C GLY A 152 10.11 -20.41 -2.50
N ILE A 153 10.19 -20.98 -1.31
CA ILE A 153 10.75 -20.29 -0.16
C ILE A 153 11.81 -21.18 0.49
N PHE A 154 12.97 -20.57 0.73
CA PHE A 154 14.19 -21.26 1.19
C PHE A 154 14.01 -21.85 2.59
N ARG A 155 14.32 -23.14 2.74
CA ARG A 155 14.05 -23.90 3.97
C ARG A 155 15.32 -24.46 4.61
N ALA A 156 16.11 -25.19 3.84
CA ALA A 156 17.30 -25.85 4.38
C ALA A 156 18.38 -26.01 3.31
N ALA A 157 19.61 -26.22 3.76
CA ALA A 157 20.74 -26.41 2.87
C ALA A 157 21.44 -27.74 3.16
N VAL A 158 22.12 -28.29 2.16
CA VAL A 158 22.87 -29.54 2.32
C VAL A 158 24.36 -29.21 2.29
N CYS A 159 25.08 -29.63 3.31
CA CYS A 159 26.44 -29.18 3.54
C CYS A 159 27.42 -30.33 3.67
N THR A 160 28.70 -29.95 3.57
CA THR A 160 29.81 -30.84 3.88
C THR A 160 30.96 -29.97 4.39
N ARG A 161 31.21 -30.05 5.70
CA ARG A 161 32.30 -29.33 6.35
C ARG A 161 32.20 -27.81 6.16
N GLY A 162 31.00 -27.28 6.36
CA GLY A 162 30.77 -25.84 6.40
C GLY A 162 30.54 -25.17 5.06
N VAL A 163 30.45 -25.96 3.99
CA VAL A 163 30.22 -25.40 2.65
C VAL A 163 28.99 -26.04 2.01
N ALA A 164 28.04 -25.19 1.64
CA ALA A 164 26.74 -25.63 1.12
C ALA A 164 26.79 -25.73 -0.40
N LYS A 165 26.32 -26.87 -0.92
CA LYS A 165 26.36 -27.14 -2.35
C LYS A 165 24.98 -27.29 -2.98
N ALA A 166 23.93 -27.32 -2.15
CA ALA A 166 22.55 -27.34 -2.65
C ALA A 166 21.58 -26.79 -1.60
N VAL A 167 20.39 -26.40 -2.07
CA VAL A 167 19.35 -25.85 -1.20
C VAL A 167 18.05 -26.61 -1.34
N ASP A 168 17.34 -26.72 -0.23
CA ASP A 168 15.99 -27.26 -0.20
C ASP A 168 15.04 -26.10 0.08
N PHE A 169 13.92 -26.08 -0.63
CA PHE A 169 12.95 -24.99 -0.48
C PHE A 169 11.50 -25.49 -0.46
N ILE A 170 10.61 -24.70 0.12
CA ILE A 170 9.19 -25.01 0.12
C ILE A 170 8.62 -24.53 -1.22
N PRO A 171 8.05 -25.45 -2.02
CA PRO A 171 7.51 -25.06 -3.32
C PRO A 171 6.27 -24.19 -3.18
N VAL A 172 6.10 -23.24 -4.11
CA VAL A 172 5.05 -22.23 -4.01
C VAL A 172 3.61 -22.78 -4.05
N GLU A 173 3.41 -23.91 -4.73
CA GLU A 173 2.07 -24.50 -4.89
C GLU A 173 1.30 -24.62 -3.56
N SER A 174 2.02 -25.07 -2.53
CA SER A 174 1.48 -25.20 -1.17
C SER A 174 0.85 -23.90 -0.65
N MET A 175 1.39 -22.78 -1.11
CA MET A 175 0.95 -21.45 -0.69
C MET A 175 -0.05 -20.84 -1.69
N ALA B 1 -18.38 8.09 -21.62
CA ALA B 1 -17.53 7.99 -20.40
C ALA B 1 -16.60 6.76 -20.46
N PRO B 2 -15.37 6.93 -20.97
CA PRO B 2 -14.43 5.80 -21.03
C PRO B 2 -13.84 5.45 -19.66
N ILE B 3 -14.03 6.33 -18.67
CA ILE B 3 -13.59 6.09 -17.30
C ILE B 3 -14.80 5.72 -16.43
N THR B 4 -14.58 4.82 -15.50
CA THR B 4 -15.66 4.29 -14.65
C THR B 4 -15.22 4.26 -13.19
N ALA B 5 -16.21 4.25 -12.30
CA ALA B 5 -15.94 4.31 -10.88
C ALA B 5 -17.09 3.72 -10.06
N TYR B 6 -16.73 3.13 -8.92
CA TYR B 6 -17.69 2.72 -7.89
C TYR B 6 -17.16 3.11 -6.52
N SER B 7 -18.07 3.17 -5.54
CA SER B 7 -17.68 3.56 -4.20
C SER B 7 -17.92 2.45 -3.18
N GLN B 8 -17.31 2.62 -2.01
CA GLN B 8 -17.45 1.69 -0.91
C GLN B 8 -17.49 2.45 0.40
N GLN B 9 -18.52 2.23 1.19
CA GLN B 9 -18.66 2.89 2.47
C GLN B 9 -17.74 2.22 3.49
N THR B 10 -17.28 2.99 4.48
CA THR B 10 -16.45 2.46 5.56
C THR B 10 -16.99 2.76 6.96
N ARG B 11 -17.80 3.80 7.08
CA ARG B 11 -18.32 4.24 8.38
C ARG B 11 -19.73 4.82 8.28
N GLY B 12 -20.39 4.88 9.44
CA GLY B 12 -21.64 5.63 9.61
C GLY B 12 -21.39 6.81 10.53
N LEU B 13 -22.46 7.38 11.09
CA LEU B 13 -22.35 8.55 11.97
C LEU B 13 -21.64 8.27 13.29
N LEU B 14 -21.98 7.15 13.91
CA LEU B 14 -21.42 6.80 15.22
C LEU B 14 -19.91 6.66 15.12
N GLY B 15 -19.45 5.81 14.21
CA GLY B 15 -18.03 5.62 13.98
C GLY B 15 -17.33 6.88 13.54
N CYS B 16 -18.05 7.74 12.82
CA CYS B 16 -17.50 8.99 12.33
C CYS B 16 -17.26 9.99 13.46
N ILE B 17 -18.25 10.17 14.33
CA ILE B 17 -18.12 11.08 15.47
C ILE B 17 -16.99 10.61 16.38
N ILE B 18 -17.02 9.34 16.75
CA ILE B 18 -15.98 8.76 17.59
C ILE B 18 -14.57 9.01 17.01
N THR B 19 -14.40 8.69 15.73
CA THR B 19 -13.10 8.79 15.08
C THR B 19 -12.60 10.24 14.97
N SER B 20 -13.53 11.20 14.89
CA SER B 20 -13.17 12.63 14.90
C SER B 20 -12.49 13.02 16.20
N LEU B 21 -12.98 12.47 17.31
CA LEU B 21 -12.52 12.85 18.65
C LEU B 21 -11.24 12.14 19.02
N THR B 22 -11.14 10.86 18.67
CA THR B 22 -9.91 10.09 18.89
C THR B 22 -8.84 10.48 17.87
N GLY B 23 -9.25 10.80 16.66
CA GLY B 23 -8.34 11.11 15.57
C GLY B 23 -7.56 9.90 15.08
N ARG B 24 -8.09 8.71 15.37
CA ARG B 24 -7.38 7.45 15.16
C ARG B 24 -8.19 6.49 14.30
N ASP B 25 -8.06 6.63 12.99
CA ASP B 25 -8.76 5.78 12.02
C ASP B 25 -7.92 4.55 11.69
N LYS B 26 -8.25 3.42 12.29
CA LYS B 26 -7.52 2.18 12.07
C LYS B 26 -8.07 1.38 10.89
N ASN B 27 -9.15 1.84 10.27
CA ASN B 27 -9.67 1.19 9.08
C ASN B 27 -8.64 1.18 7.95
N GLN B 28 -8.66 0.10 7.17
CA GLN B 28 -7.74 -0.08 6.05
C GLN B 28 -8.09 0.90 4.93
N VAL B 29 -7.12 1.73 4.55
CA VAL B 29 -7.32 2.76 3.52
C VAL B 29 -7.08 2.19 2.13
N ASP B 30 -7.94 2.57 1.18
CA ASP B 30 -7.88 2.06 -0.19
C ASP B 30 -8.50 3.07 -1.15
N GLY B 31 -8.14 2.95 -2.42
CA GLY B 31 -8.77 3.71 -3.49
C GLY B 31 -8.07 5.02 -3.79
N GLU B 32 -8.48 5.64 -4.88
CA GLU B 32 -7.86 6.87 -5.37
C GLU B 32 -8.47 8.10 -4.71
N VAL B 33 -9.78 8.08 -4.51
CA VAL B 33 -10.52 9.21 -3.92
C VAL B 33 -11.16 8.79 -2.61
N GLN B 34 -11.02 9.64 -1.58
CA GLN B 34 -11.59 9.38 -0.26
C GLN B 34 -12.84 10.21 -0.01
N VAL B 35 -13.87 9.56 0.52
CA VAL B 35 -15.07 10.26 0.96
C VAL B 35 -14.81 10.72 2.38
N LEU B 36 -14.63 12.02 2.56
CA LEU B 36 -14.32 12.59 3.87
C LEU B 36 -15.56 13.18 4.49
N SER B 37 -15.54 13.31 5.81
CA SER B 37 -16.67 13.86 6.55
C SER B 37 -16.23 14.55 7.84
N THR B 38 -17.04 15.51 8.28
CA THR B 38 -16.88 16.16 9.57
C THR B 38 -18.20 16.00 10.32
N ALA B 39 -18.40 16.80 11.37
CA ALA B 39 -19.69 16.86 12.05
C ALA B 39 -20.73 17.48 11.12
N THR B 40 -20.37 18.63 10.55
CA THR B 40 -21.30 19.49 9.83
C THR B 40 -21.48 19.10 8.35
N GLN B 41 -20.38 18.83 7.66
CA GLN B 41 -20.39 18.70 6.20
C GLN B 41 -19.51 17.54 5.70
N SER B 42 -19.84 17.05 4.51
CA SER B 42 -19.09 15.95 3.88
C SER B 42 -18.68 16.28 2.43
N PHE B 43 -17.59 15.69 1.98
CA PHE B 43 -16.96 16.09 0.72
C PHE B 43 -15.94 15.04 0.27
N LEU B 44 -15.14 15.36 -0.75
CA LEU B 44 -14.17 14.42 -1.31
C LEU B 44 -12.72 14.88 -1.17
N ALA B 45 -11.82 13.92 -1.32
CA ALA B 45 -10.38 14.19 -1.35
C ALA B 45 -9.70 13.30 -2.40
N THR B 46 -8.79 13.89 -3.16
CA THR B 46 -8.07 13.18 -4.24
C THR B 46 -6.62 12.94 -3.87
N CYS B 47 -6.06 11.82 -4.33
CA CYS B 47 -4.68 11.45 -4.05
C CYS B 47 -3.75 11.64 -5.26
N VAL B 48 -2.73 12.48 -5.10
CA VAL B 48 -1.75 12.72 -6.15
C VAL B 48 -0.36 12.88 -5.53
N ASN B 49 0.58 12.05 -5.97
CA ASN B 49 1.96 12.04 -5.46
C ASN B 49 2.02 11.95 -3.93
N GLY B 50 1.50 10.86 -3.38
CA GLY B 50 1.59 10.59 -1.95
C GLY B 50 0.86 11.54 -1.02
N VAL B 51 -0.08 12.32 -1.55
CA VAL B 51 -0.81 13.32 -0.77
C VAL B 51 -2.31 13.28 -1.05
N CYS B 52 -3.10 13.28 0.02
CA CYS B 52 -4.54 13.47 -0.08
C CYS B 52 -4.85 14.95 -0.12
N TRP B 53 -5.42 15.41 -1.22
CA TRP B 53 -5.78 16.81 -1.37
C TRP B 53 -7.29 16.97 -1.25
N THR B 54 -7.73 17.99 -0.50
CA THR B 54 -9.14 18.38 -0.50
C THR B 54 -9.27 19.90 -0.46
N VAL B 55 -10.50 20.39 -0.33
CA VAL B 55 -10.77 21.83 -0.29
C VAL B 55 -10.79 22.37 1.14
N TYR B 56 -10.34 23.61 1.30
CA TYR B 56 -10.31 24.26 2.60
C TYR B 56 -11.70 24.50 3.19
N HIS B 57 -12.67 24.86 2.34
CA HIS B 57 -14.02 25.15 2.84
C HIS B 57 -14.76 23.92 3.38
N GLY B 58 -14.15 22.74 3.27
CA GLY B 58 -14.67 21.51 3.88
C GLY B 58 -13.88 21.04 5.08
N ALA B 59 -12.55 21.01 4.95
CA ALA B 59 -11.68 20.49 6.01
C ALA B 59 -11.10 21.60 6.90
N GLY B 60 -11.00 22.81 6.35
CA GLY B 60 -10.40 23.92 7.07
C GLY B 60 -8.95 23.63 7.36
N SER B 61 -8.55 23.82 8.61
CA SER B 61 -7.19 23.55 9.05
C SER B 61 -7.07 22.20 9.73
N LYS B 62 -8.20 21.48 9.85
CA LYS B 62 -8.29 20.28 10.69
C LYS B 62 -7.31 19.18 10.29
N THR B 63 -7.02 18.30 11.23
CA THR B 63 -6.22 17.10 10.98
C THR B 63 -7.06 15.99 10.37
N LEU B 64 -6.39 15.08 9.67
CA LEU B 64 -7.03 13.89 9.13
C LEU B 64 -6.79 12.75 10.09
N ALA B 65 -7.86 12.03 10.43
CA ALA B 65 -7.75 10.91 11.36
C ALA B 65 -7.05 9.74 10.68
N GLY B 66 -5.92 9.31 11.23
CA GLY B 66 -5.12 8.22 10.64
C GLY B 66 -4.86 7.06 11.59
N PRO B 67 -4.26 5.97 11.07
CA PRO B 67 -4.03 4.76 11.86
C PRO B 67 -2.93 4.88 12.92
N LYS B 68 -2.19 5.98 12.93
CA LYS B 68 -1.24 6.27 14.01
C LYS B 68 -1.57 7.63 14.68
N GLY B 69 -2.83 8.02 14.63
CA GLY B 69 -3.28 9.28 15.20
C GLY B 69 -3.56 10.35 14.16
N PRO B 70 -3.86 11.59 14.61
CA PRO B 70 -4.24 12.67 13.71
C PRO B 70 -3.09 13.07 12.77
N ILE B 71 -3.44 13.46 11.55
CA ILE B 71 -2.44 13.84 10.54
C ILE B 71 -2.53 15.34 10.28
N THR B 72 -1.43 16.03 10.51
CA THR B 72 -1.36 17.48 10.28
C THR B 72 -1.30 17.79 8.79
N GLN B 73 -1.95 18.87 8.38
CA GLN B 73 -1.90 19.32 7.00
C GLN B 73 -0.49 19.75 6.65
N MET B 74 0.04 19.22 5.55
CA MET B 74 1.38 19.57 5.08
C MET B 74 1.31 20.66 4.00
N TYR B 75 0.10 21.11 3.69
CA TYR B 75 -0.12 22.20 2.75
C TYR B 75 -1.48 22.81 3.02
N THR B 76 -1.50 24.13 3.17
CA THR B 76 -2.73 24.84 3.49
C THR B 76 -2.73 26.19 2.80
N ASN B 77 -3.74 26.40 1.94
CA ASN B 77 -3.90 27.68 1.23
C ASN B 77 -5.38 28.04 1.15
N VAL B 78 -5.74 29.14 1.79
CA VAL B 78 -7.12 29.58 1.88
C VAL B 78 -7.56 30.28 0.59
N ASP B 79 -6.69 31.10 0.02
CA ASP B 79 -6.97 31.80 -1.24
C ASP B 79 -7.39 30.85 -2.35
N GLN B 80 -6.53 29.87 -2.66
CA GLN B 80 -6.82 28.91 -3.72
C GLN B 80 -7.71 27.76 -3.24
N ASP B 81 -7.99 27.72 -1.94
CA ASP B 81 -8.95 26.78 -1.36
C ASP B 81 -8.43 25.34 -1.41
N LEU B 82 -7.14 25.16 -1.17
CA LEU B 82 -6.53 23.83 -1.24
C LEU B 82 -5.85 23.46 0.09
N VAL B 83 -6.04 22.21 0.50
CA VAL B 83 -5.31 21.63 1.62
C VAL B 83 -4.87 20.22 1.28
N GLY B 84 -3.74 19.78 1.83
CA GLY B 84 -3.24 18.44 1.61
C GLY B 84 -2.70 17.79 2.86
N TRP B 85 -2.86 16.46 2.94
CA TRP B 85 -2.30 15.66 4.03
C TRP B 85 -1.40 14.57 3.46
N PRO B 86 -0.31 14.22 4.18
CA PRO B 86 0.45 13.03 3.79
C PRO B 86 -0.44 11.79 3.73
N ALA B 87 -0.45 11.12 2.59
CA ALA B 87 -1.36 10.01 2.36
C ALA B 87 -1.09 8.86 3.33
N PRO B 88 -2.15 8.36 4.00
CA PRO B 88 -1.97 7.18 4.84
C PRO B 88 -1.72 5.95 3.99
N PRO B 89 -0.99 4.96 4.52
CA PRO B 89 -0.61 3.81 3.71
C PRO B 89 -1.83 3.08 3.17
N GLY B 90 -1.77 2.65 1.91
CA GLY B 90 -2.87 1.91 1.30
C GLY B 90 -3.61 2.69 0.23
N ALA B 91 -3.65 4.01 0.39
CA ALA B 91 -4.25 4.89 -0.60
C ALA B 91 -3.56 4.72 -1.95
N ARG B 92 -4.32 4.88 -3.03
CA ARG B 92 -3.78 4.76 -4.39
C ARG B 92 -3.53 6.14 -4.97
N SER B 93 -2.28 6.58 -4.98
CA SER B 93 -1.95 7.91 -5.47
C SER B 93 -2.02 7.97 -6.99
N MET B 94 -2.75 8.95 -7.52
CA MET B 94 -2.86 9.15 -8.96
C MET B 94 -1.73 10.04 -9.43
N THR B 95 -1.63 10.21 -10.75
CA THR B 95 -0.52 10.92 -11.36
C THR B 95 -1.02 12.15 -12.12
N PRO B 96 -0.32 13.29 -11.99
CA PRO B 96 -0.67 14.51 -12.71
C PRO B 96 -0.81 14.31 -14.22
N CYS B 97 -1.78 15.01 -14.79
CA CYS B 97 -2.07 14.89 -16.21
C CYS B 97 -1.05 15.69 -17.02
N THR B 98 -0.55 15.06 -18.08
CA THR B 98 0.38 15.70 -19.00
C THR B 98 0.00 15.38 -20.45
N CYS B 99 -1.30 15.19 -20.68
CA CYS B 99 -1.86 14.92 -22.00
C CYS B 99 -2.29 16.23 -22.68
N GLY B 100 -2.67 17.23 -21.87
CA GLY B 100 -3.16 18.51 -22.38
C GLY B 100 -4.56 18.45 -22.98
N SER B 101 -5.29 17.38 -22.67
CA SER B 101 -6.60 17.12 -23.26
C SER B 101 -7.65 18.11 -22.73
N SER B 102 -8.65 18.38 -23.57
CA SER B 102 -9.76 19.24 -23.18
C SER B 102 -11.00 18.45 -22.75
N ASP B 103 -10.99 17.14 -23.02
CA ASP B 103 -12.05 16.24 -22.58
C ASP B 103 -11.81 15.83 -21.14
N LEU B 104 -12.35 16.60 -20.21
CA LEU B 104 -12.18 16.31 -18.79
C LEU B 104 -13.37 15.50 -18.24
N TYR B 105 -13.11 14.73 -17.19
CA TYR B 105 -14.15 13.94 -16.53
C TYR B 105 -14.15 14.15 -15.03
N LEU B 106 -15.26 14.68 -14.51
CA LEU B 106 -15.42 14.90 -13.09
C LEU B 106 -16.01 13.65 -12.45
N VAL B 107 -15.35 13.16 -11.40
CA VAL B 107 -15.89 12.06 -10.61
C VAL B 107 -16.60 12.64 -9.38
N THR B 108 -17.85 12.25 -9.18
CA THR B 108 -18.66 12.80 -8.10
C THR B 108 -18.75 11.87 -6.89
N ARG B 109 -19.18 12.47 -5.79
CA ARG B 109 -19.46 11.78 -4.53
C ARG B 109 -20.17 10.44 -4.73
N HIS B 110 -21.08 10.39 -5.69
CA HIS B 110 -21.87 9.19 -5.97
C HIS B 110 -21.22 8.24 -6.98
N ALA B 111 -19.91 8.39 -7.19
CA ALA B 111 -19.15 7.54 -8.13
C ALA B 111 -19.65 7.63 -9.59
N ASP B 112 -20.21 8.78 -9.95
CA ASP B 112 -20.71 9.03 -11.29
C ASP B 112 -19.70 9.89 -12.05
N VAL B 113 -19.31 9.45 -13.23
CA VAL B 113 -18.31 10.13 -14.06
C VAL B 113 -19.02 11.01 -15.09
N ILE B 114 -18.94 12.33 -14.93
CA ILE B 114 -19.64 13.25 -15.83
C ILE B 114 -18.67 14.03 -16.74
N PRO B 115 -18.98 14.10 -18.04
CA PRO B 115 -18.09 14.75 -18.99
C PRO B 115 -18.05 16.28 -18.87
N VAL B 116 -16.84 16.83 -18.88
CA VAL B 116 -16.61 18.25 -18.74
C VAL B 116 -15.69 18.73 -19.87
N ARG B 117 -16.01 19.90 -20.42
CA ARG B 117 -15.18 20.56 -21.42
C ARG B 117 -14.30 21.61 -20.75
N ARG B 118 -12.98 21.43 -20.83
CA ARG B 118 -12.02 22.41 -20.32
C ARG B 118 -12.25 23.78 -20.97
N ARG B 119 -12.16 24.83 -20.18
CA ARG B 119 -12.40 26.21 -20.65
C ARG B 119 -11.22 27.17 -20.42
N GLY B 120 -10.50 27.01 -19.32
CA GLY B 120 -9.32 27.83 -19.04
C GLY B 120 -8.34 27.09 -18.16
N ASP B 121 -7.53 27.83 -17.42
CA ASP B 121 -6.61 27.23 -16.44
C ASP B 121 -7.40 26.47 -15.37
N SER B 122 -8.47 27.08 -14.87
CA SER B 122 -9.20 26.58 -13.70
C SER B 122 -10.71 26.57 -13.89
N ARG B 123 -11.17 26.28 -15.10
CA ARG B 123 -12.60 26.28 -15.41
C ARG B 123 -12.93 25.27 -16.50
N GLY B 124 -14.15 24.74 -16.45
CA GLY B 124 -14.66 23.84 -17.48
C GLY B 124 -16.17 23.79 -17.46
N SER B 125 -16.78 23.55 -18.61
CA SER B 125 -18.24 23.58 -18.73
C SER B 125 -18.84 22.19 -18.81
N LEU B 126 -19.96 22.01 -18.12
CA LEU B 126 -20.73 20.76 -18.17
C LEU B 126 -21.46 20.68 -19.48
N LEU B 127 -21.25 19.59 -20.20
CA LEU B 127 -21.93 19.33 -21.47
C LEU B 127 -23.43 19.18 -21.22
N SER B 128 -23.77 18.48 -20.14
CA SER B 128 -25.15 18.38 -19.67
C SER B 128 -25.33 19.15 -18.36
N PRO B 129 -26.12 20.23 -18.38
CA PRO B 129 -26.44 20.96 -17.15
C PRO B 129 -26.96 20.03 -16.05
N ARG B 130 -26.57 20.31 -14.81
CA ARG B 130 -26.85 19.40 -13.71
C ARG B 130 -27.41 20.17 -12.51
N PRO B 131 -28.32 19.56 -11.76
CA PRO B 131 -28.74 20.23 -10.54
C PRO B 131 -27.56 20.42 -9.60
N VAL B 132 -27.52 21.57 -8.93
CA VAL B 132 -26.46 21.87 -7.97
C VAL B 132 -26.31 20.76 -6.91
N SER B 133 -27.44 20.19 -6.48
CA SER B 133 -27.48 19.17 -5.43
C SER B 133 -26.85 17.84 -5.86
N TYR B 134 -26.79 17.59 -7.17
CA TYR B 134 -26.09 16.43 -7.70
C TYR B 134 -24.60 16.58 -7.45
N LEU B 135 -24.10 17.81 -7.59
CA LEU B 135 -22.68 18.10 -7.43
C LEU B 135 -22.27 18.35 -5.98
N LYS B 136 -23.21 18.85 -5.17
CA LYS B 136 -22.94 19.14 -3.76
C LYS B 136 -22.38 17.91 -3.04
N GLY B 137 -21.30 18.11 -2.30
CA GLY B 137 -20.64 17.02 -1.58
C GLY B 137 -19.51 16.39 -2.35
N SER B 138 -19.17 16.95 -3.53
CA SER B 138 -18.12 16.40 -4.39
C SER B 138 -16.91 17.32 -4.56
N SER B 139 -16.86 18.43 -3.84
CA SER B 139 -15.66 19.27 -3.84
C SER B 139 -14.49 18.45 -3.31
N GLY B 140 -13.34 18.58 -3.96
CA GLY B 140 -12.18 17.75 -3.66
C GLY B 140 -12.08 16.58 -4.62
N GLY B 141 -13.18 16.25 -5.30
CA GLY B 141 -13.18 15.21 -6.31
C GLY B 141 -12.37 15.63 -7.52
N PRO B 142 -11.78 14.64 -8.23
CA PRO B 142 -10.84 14.94 -9.29
C PRO B 142 -11.45 15.14 -10.68
N LEU B 143 -10.91 16.09 -11.44
CA LEU B 143 -11.18 16.19 -12.88
C LEU B 143 -10.10 15.41 -13.62
N LEU B 144 -10.54 14.49 -14.49
CA LEU B 144 -9.64 13.54 -15.14
C LEU B 144 -9.40 13.79 -16.63
N CYS B 145 -8.14 13.67 -17.02
CA CYS B 145 -7.73 13.53 -18.43
C CYS B 145 -8.29 12.19 -18.94
N PRO B 146 -8.62 12.09 -20.24
CA PRO B 146 -9.29 10.88 -20.75
C PRO B 146 -8.55 9.55 -20.47
N SER B 147 -7.25 9.61 -20.15
CA SER B 147 -6.52 8.42 -19.70
C SER B 147 -6.42 8.36 -18.17
N GLY B 148 -7.47 8.80 -17.49
CA GLY B 148 -7.58 8.69 -16.03
C GLY B 148 -6.49 9.36 -15.23
N HIS B 149 -5.94 10.45 -15.74
CA HIS B 149 -4.92 11.23 -15.02
C HIS B 149 -5.55 12.50 -14.47
N VAL B 150 -4.93 13.07 -13.44
CA VAL B 150 -5.53 14.18 -12.70
C VAL B 150 -5.14 15.51 -13.33
N VAL B 151 -6.14 16.27 -13.78
CA VAL B 151 -5.89 17.62 -14.30
C VAL B 151 -6.10 18.66 -13.22
N GLY B 152 -7.05 18.40 -12.32
CA GLY B 152 -7.32 19.32 -11.23
C GLY B 152 -8.26 18.77 -10.17
N ILE B 153 -8.72 19.64 -9.29
CA ILE B 153 -9.56 19.28 -8.15
C ILE B 153 -10.77 20.20 -8.10
N PHE B 154 -11.96 19.60 -8.08
CA PHE B 154 -13.23 20.34 -8.07
C PHE B 154 -13.32 21.21 -6.81
N ARG B 155 -13.59 22.51 -6.98
CA ARG B 155 -13.71 23.43 -5.83
C ARG B 155 -15.02 24.22 -5.77
N ALA B 156 -15.53 24.67 -6.91
CA ALA B 156 -16.76 25.45 -6.93
C ALA B 156 -17.50 25.31 -8.25
N ALA B 157 -18.79 25.60 -8.22
CA ALA B 157 -19.64 25.49 -9.40
C ALA B 157 -20.27 26.84 -9.72
N VAL B 158 -20.66 27.03 -10.97
CA VAL B 158 -21.38 28.23 -11.39
C VAL B 158 -22.81 27.80 -11.76
N CYS B 159 -23.80 28.47 -11.17
CA CYS B 159 -25.19 28.06 -11.26
C CYS B 159 -26.09 29.20 -11.70
N THR B 160 -27.32 28.85 -12.01
CA THR B 160 -28.40 29.82 -12.16
C THR B 160 -29.73 29.15 -11.83
N ARG B 161 -30.37 29.63 -10.76
CA ARG B 161 -31.68 29.15 -10.32
C ARG B 161 -31.74 27.64 -10.08
N GLY B 162 -30.65 27.09 -9.54
CA GLY B 162 -30.62 25.72 -9.04
C GLY B 162 -29.84 24.73 -9.87
N VAL B 163 -29.40 25.15 -11.05
CA VAL B 163 -28.75 24.23 -12.00
C VAL B 163 -27.37 24.73 -12.39
N ALA B 164 -26.40 23.82 -12.36
CA ALA B 164 -25.00 24.13 -12.61
C ALA B 164 -24.66 23.91 -14.07
N LYS B 165 -23.96 24.87 -14.67
CA LYS B 165 -23.58 24.82 -16.08
C LYS B 165 -22.07 24.67 -16.29
N ALA B 166 -21.27 25.09 -15.30
CA ALA B 166 -19.82 24.95 -15.38
C ALA B 166 -19.21 24.70 -14.00
N VAL B 167 -17.97 24.22 -14.01
CA VAL B 167 -17.25 23.89 -12.79
C VAL B 167 -15.96 24.70 -12.67
N ASP B 168 -15.61 25.03 -11.43
CA ASP B 168 -14.35 25.67 -11.10
C ASP B 168 -13.49 24.65 -10.37
N PHE B 169 -12.22 24.57 -10.73
CA PHE B 169 -11.32 23.61 -10.12
C PHE B 169 -9.92 24.17 -9.89
N ILE B 170 -9.17 23.47 -9.03
CA ILE B 170 -7.77 23.82 -8.74
C ILE B 170 -6.91 22.98 -9.68
N PRO B 171 -6.11 23.62 -10.54
CA PRO B 171 -5.31 22.85 -11.49
C PRO B 171 -4.19 22.08 -10.80
N VAL B 172 -3.77 20.97 -11.42
CA VAL B 172 -2.82 20.06 -10.78
C VAL B 172 -1.40 20.64 -10.66
N GLU B 173 -1.12 21.76 -11.34
CA GLU B 173 0.20 22.39 -11.28
C GLU B 173 0.49 23.00 -9.89
N SER B 174 -0.57 23.41 -9.19
CA SER B 174 -0.47 23.91 -7.82
C SER B 174 -0.15 22.78 -6.83
N MET B 175 -0.42 21.55 -7.22
CA MET B 175 -0.21 20.36 -6.39
C MET B 175 1.06 19.61 -6.79
N GLY C 2 5.76 -13.41 23.04
CA GLY C 2 6.90 -12.76 22.32
C GLY C 2 6.68 -12.72 20.82
N SER C 3 6.51 -11.52 20.27
CA SER C 3 6.21 -11.33 18.84
C SER C 3 7.46 -11.28 17.97
N VAL C 4 7.35 -11.86 16.77
CA VAL C 4 8.39 -11.73 15.74
C VAL C 4 8.32 -10.30 15.21
N VAL C 5 9.49 -9.72 14.94
CA VAL C 5 9.58 -8.32 14.53
C VAL C 5 10.29 -8.14 13.18
N ILE C 6 9.77 -7.24 12.37
CA ILE C 6 10.44 -6.80 11.15
C ILE C 6 11.54 -5.83 11.54
N VAL C 7 12.78 -6.17 11.21
CA VAL C 7 13.94 -5.34 11.56
C VAL C 7 14.58 -4.72 10.32
N GLY C 8 13.95 -4.94 9.17
CA GLY C 8 14.48 -4.48 7.89
C GLY C 8 13.70 -5.11 6.75
N ARG C 9 13.88 -4.56 5.55
CA ARG C 9 13.24 -5.13 4.34
C ARG C 9 14.23 -5.21 3.20
N ILE C 10 13.89 -6.01 2.20
CA ILE C 10 14.72 -6.17 1.01
C ILE C 10 13.83 -5.87 -0.20
N ILE C 11 14.28 -4.94 -1.05
CA ILE C 11 13.52 -4.49 -2.21
C ILE C 11 14.09 -5.08 -3.50
N LEU C 12 13.21 -5.66 -4.32
CA LEU C 12 13.63 -6.38 -5.53
C LEU C 12 13.27 -5.62 -6.82
N SER C 13 14.04 -5.90 -7.86
CA SER C 13 13.80 -5.35 -9.20
C SER C 13 14.50 -6.21 -10.26
N GLY D 2 -11.90 18.94 16.25
CA GLY D 2 -12.20 17.56 15.74
C GLY D 2 -11.51 17.26 14.42
N SER D 3 -11.19 15.98 14.21
CA SER D 3 -10.49 15.53 12.99
C SER D 3 -11.44 15.25 11.84
N VAL D 4 -10.93 15.42 10.62
CA VAL D 4 -11.61 14.98 9.41
C VAL D 4 -11.45 13.47 9.31
N VAL D 5 -12.55 12.77 8.99
CA VAL D 5 -12.57 11.32 8.97
C VAL D 5 -12.92 10.81 7.58
N ILE D 6 -12.22 9.76 7.16
CA ILE D 6 -12.54 9.03 5.94
C ILE D 6 -13.73 8.12 6.23
N VAL D 7 -14.81 8.31 5.48
CA VAL D 7 -16.06 7.54 5.66
C VAL D 7 -16.37 6.62 4.48
N GLY D 8 -15.56 6.71 3.44
CA GLY D 8 -15.73 5.90 2.24
C GLY D 8 -14.55 6.07 1.30
N ARG D 9 -14.66 5.46 0.13
CA ARG D 9 -13.69 5.68 -0.95
C ARG D 9 -14.30 5.39 -2.30
N ILE D 10 -13.63 5.84 -3.35
CA ILE D 10 -14.11 5.64 -4.71
C ILE D 10 -12.96 5.07 -5.54
N ILE D 11 -13.10 3.79 -5.92
CA ILE D 11 -12.12 3.11 -6.74
C ILE D 11 -12.34 3.48 -8.20
N LEU D 12 -11.25 3.80 -8.90
CA LEU D 12 -11.29 4.17 -10.30
C LEU D 12 -10.62 3.10 -11.16
N SER D 13 -11.11 2.97 -12.40
CA SER D 13 -10.56 2.01 -13.36
C SER D 13 -10.86 2.43 -14.80
#